data_1EH4
#
_entry.id   1EH4
#
_cell.length_a   113.500
_cell.length_b   113.500
_cell.length_c   110.400
_cell.angle_alpha   90.00
_cell.angle_beta   90.00
_cell.angle_gamma   120.00
#
_symmetry.space_group_name_H-M   'P 61'
#
loop_
_entity.id
_entity.type
_entity.pdbx_description
1 polymer 'CASEIN KINASE-1'
2 non-polymer 'SULFATE ION'
3 non-polymer 3-[(2,4,6-TRIMETHOXY-PHENYL)-METHYLENE]-INDOLIN-2-ONE
4 water water
#
_entity_poly.entity_id   1
_entity_poly.type   'polypeptide(L)'
_entity_poly.pdbx_seq_one_letter_code
;MSGQNNVVGVHYKVGRRIGEGSFGVIFEGTNLLNNQQVAIKFEPRRSDAPQLRDEYRTYKLLAGCTGIPNVYYFGQEGLH
NVLVIDLLGPSLEDLLDLCGRKFSVKTVAMAAKQMLARVQSIHEKSLVYRDIKPDNFLIGRPNSKNANMIYVVDFGMVKF
YRDPVTKQHIPYREKKNLSGTARYMSINTHLGREQSRRDDLEALGHVFMYFLRGSLPWQGLKAATNKQKYERIGEKKQST
PLRELCAGFPEEFYKYMHYARNLAFDATPDYDYLQGLFSKVLERLNTTEDENFDWNLL
;
_entity_poly.pdbx_strand_id   A,B
#
# COMPACT_ATOMS: atom_id res chain seq x y z
N ASN A 6 -36.62 -20.61 36.16
CA ASN A 6 -38.00 -20.30 36.63
C ASN A 6 -38.81 -19.71 35.47
N VAL A 7 -39.26 -18.46 35.61
CA VAL A 7 -40.04 -17.78 34.58
C VAL A 7 -39.95 -16.26 34.73
N VAL A 8 -39.49 -15.59 33.66
CA VAL A 8 -39.34 -14.14 33.65
C VAL A 8 -40.16 -13.48 32.53
N GLY A 9 -40.00 -12.17 32.38
CA GLY A 9 -40.74 -11.47 31.35
C GLY A 9 -42.23 -11.66 31.57
N VAL A 10 -42.61 -11.70 32.85
CA VAL A 10 -44.00 -11.88 33.28
C VAL A 10 -44.80 -13.00 32.62
N HIS A 11 -44.65 -13.17 31.32
CA HIS A 11 -45.34 -14.24 30.61
C HIS A 11 -44.42 -15.06 29.72
N TYR A 12 -43.11 -14.90 29.90
CA TYR A 12 -42.12 -15.65 29.10
C TYR A 12 -41.43 -16.65 30.02
N LYS A 13 -41.49 -17.93 29.68
CA LYS A 13 -40.81 -18.92 30.50
C LYS A 13 -39.57 -19.38 29.77
N VAL A 14 -38.48 -19.54 30.51
CA VAL A 14 -37.21 -19.95 29.95
C VAL A 14 -37.13 -21.45 29.66
N GLY A 15 -36.32 -21.80 28.66
CA GLY A 15 -36.13 -23.19 28.25
C GLY A 15 -34.69 -23.59 28.41
N ARG A 16 -34.12 -24.26 27.42
CA ARG A 16 -32.72 -24.67 27.51
C ARG A 16 -31.77 -23.59 27.03
N ARG A 17 -30.48 -23.79 27.25
CA ARG A 17 -29.49 -22.81 26.80
C ARG A 17 -29.16 -23.10 25.34
N ILE A 18 -29.28 -22.08 24.49
CA ILE A 18 -28.99 -22.26 23.07
C ILE A 18 -27.66 -21.63 22.67
N GLY A 19 -26.93 -21.15 23.66
CA GLY A 19 -25.66 -20.55 23.36
C GLY A 19 -25.44 -19.25 24.08
N GLU A 20 -24.32 -18.63 23.79
CA GLU A 20 -24.00 -17.36 24.39
C GLU A 20 -23.46 -16.49 23.28
N GLY A 21 -23.33 -15.19 23.56
CA GLY A 21 -22.80 -14.31 22.57
C GLY A 21 -21.87 -13.30 23.18
N SER A 22 -21.03 -12.70 22.34
CA SER A 22 -20.10 -11.68 22.81
C SER A 22 -20.98 -10.66 23.52
N PHE A 23 -21.33 -10.99 24.76
CA PHE A 23 -22.11 -10.28 25.71
C PHE A 23 -22.57 -11.15 26.88
N GLY A 24 -23.35 -12.20 26.59
CA GLY A 24 -23.81 -13.07 27.66
C GLY A 24 -24.87 -14.07 27.22
N VAL A 25 -24.84 -15.25 27.82
CA VAL A 25 -25.77 -16.35 27.54
C VAL A 25 -27.14 -16.01 26.93
N ILE A 26 -27.65 -16.95 26.14
CA ILE A 26 -28.97 -16.83 25.47
C ILE A 26 -29.72 -18.17 25.64
N PHE A 27 -30.90 -18.13 26.27
CA PHE A 27 -31.72 -19.33 26.48
C PHE A 27 -32.88 -19.23 25.51
N GLU A 28 -33.47 -20.36 25.11
CA GLU A 28 -34.59 -20.28 24.20
C GLU A 28 -35.91 -20.47 24.92
N GLY A 29 -36.53 -19.36 25.29
CA GLY A 29 -37.78 -19.40 26.01
C GLY A 29 -39.02 -19.77 25.21
N THR A 30 -40.14 -19.22 25.65
CA THR A 30 -41.43 -19.45 25.01
C THR A 30 -42.54 -18.64 25.69
N ASN A 31 -43.06 -17.66 24.97
CA ASN A 31 -44.13 -16.81 25.46
C ASN A 31 -45.26 -17.70 25.97
N LEU A 32 -45.69 -17.46 27.19
CA LEU A 32 -46.75 -18.23 27.82
C LEU A 32 -48.14 -17.71 27.49
N LEU A 33 -48.28 -17.04 26.35
CA LEU A 33 -49.58 -16.48 25.95
C LEU A 33 -49.92 -16.62 24.46
N ASN A 34 -49.27 -17.55 23.78
CA ASN A 34 -49.50 -17.79 22.35
C ASN A 34 -48.82 -19.08 21.87
N ASN A 35 -47.86 -19.55 22.66
CA ASN A 35 -47.12 -20.77 22.35
C ASN A 35 -46.07 -20.56 21.26
N GLN A 36 -45.51 -19.36 21.16
CA GLN A 36 -44.48 -19.09 20.15
C GLN A 36 -43.09 -19.04 20.77
N GLN A 37 -42.18 -19.87 20.24
CA GLN A 37 -40.81 -19.94 20.75
C GLN A 37 -39.97 -18.67 20.57
N VAL A 38 -39.49 -18.11 21.68
CA VAL A 38 -38.69 -16.90 21.62
C VAL A 38 -37.22 -17.18 21.90
N ALA A 39 -36.47 -16.10 22.04
CA ALA A 39 -35.04 -16.15 22.33
C ALA A 39 -34.97 -15.23 23.53
N ILE A 40 -34.39 -15.70 24.62
CA ILE A 40 -34.28 -14.87 25.81
C ILE A 40 -32.81 -14.67 26.15
N LYS A 41 -32.43 -13.41 26.30
CA LYS A 41 -31.05 -13.09 26.60
C LYS A 41 -30.94 -12.54 28.02
N PHE A 42 -30.07 -13.16 28.82
CA PHE A 42 -29.88 -12.70 30.19
C PHE A 42 -28.57 -11.98 30.24
N GLU A 43 -28.46 -11.03 31.18
CA GLU A 43 -27.25 -10.25 31.37
C GLU A 43 -27.27 -9.69 32.78
N PRO A 44 -26.17 -9.89 33.55
CA PRO A 44 -26.09 -9.38 34.92
C PRO A 44 -26.03 -7.85 34.97
N ARG A 45 -26.27 -7.29 36.15
CA ARG A 45 -26.24 -5.84 36.33
C ARG A 45 -25.03 -5.49 37.19
N ARG A 46 -23.96 -5.01 36.55
CA ARG A 46 -22.73 -4.69 37.27
C ARG A 46 -21.80 -3.76 36.48
N SER A 47 -20.51 -4.08 36.52
CA SER A 47 -19.48 -3.31 35.82
C SER A 47 -19.97 -3.15 34.41
N ASP A 48 -20.52 -4.25 33.89
CA ASP A 48 -21.06 -4.25 32.55
C ASP A 48 -22.40 -3.55 32.56
N ALA A 49 -22.68 -2.87 31.48
CA ALA A 49 -23.94 -2.18 31.32
C ALA A 49 -24.16 -1.98 29.84
N PRO A 50 -23.48 -2.80 29.00
CA PRO A 50 -23.71 -2.60 27.56
C PRO A 50 -25.14 -3.07 27.41
N GLN A 51 -25.75 -3.15 28.59
CA GLN A 51 -27.13 -3.55 28.81
C GLN A 51 -27.86 -4.06 27.59
N LEU A 52 -28.53 -5.18 27.77
CA LEU A 52 -29.33 -5.68 26.68
C LEU A 52 -30.10 -4.44 26.23
N ARG A 53 -30.27 -3.50 27.16
CA ARG A 53 -30.99 -2.25 26.91
C ARG A 53 -30.44 -1.58 25.66
N ASP A 54 -29.22 -1.10 25.73
CA ASP A 54 -28.64 -0.45 24.57
C ASP A 54 -28.75 -1.35 23.35
N GLU A 55 -28.81 -2.66 23.57
CA GLU A 55 -28.95 -3.58 22.47
C GLU A 55 -30.42 -3.56 22.07
N TYR A 56 -31.29 -3.52 23.08
CA TYR A 56 -32.73 -3.48 22.87
C TYR A 56 -33.04 -2.27 22.01
N ARG A 57 -32.52 -1.11 22.42
CA ARG A 57 -32.72 0.15 21.70
C ARG A 57 -32.28 0.04 20.25
N THR A 58 -31.26 -0.77 20.00
CA THR A 58 -30.75 -0.98 18.65
C THR A 58 -31.67 -1.98 17.94
N TYR A 59 -32.22 -2.94 18.68
CA TYR A 59 -33.14 -3.90 18.08
C TYR A 59 -34.39 -3.14 17.74
N LYS A 60 -34.56 -2.00 18.40
CA LYS A 60 -35.71 -1.14 18.21
C LYS A 60 -35.53 -0.35 16.93
N LEU A 61 -34.38 0.32 16.85
CA LEU A 61 -34.06 1.13 15.68
C LEU A 61 -34.23 0.30 14.42
N LEU A 62 -33.37 -0.70 14.27
CA LEU A 62 -33.38 -1.58 13.11
C LEU A 62 -34.72 -2.31 12.95
N ALA A 63 -35.57 -2.21 13.98
CA ALA A 63 -36.88 -2.86 13.93
C ALA A 63 -37.63 -2.42 12.69
N GLY A 64 -37.98 -3.35 11.82
CA GLY A 64 -38.70 -2.97 10.63
C GLY A 64 -37.83 -2.99 9.39
N CYS A 65 -36.53 -3.22 9.57
CA CYS A 65 -35.62 -3.29 8.44
C CYS A 65 -35.34 -4.77 8.15
N THR A 66 -35.61 -5.19 6.91
CA THR A 66 -35.45 -6.58 6.46
C THR A 66 -34.33 -7.44 7.04
N GLY A 67 -34.72 -8.60 7.55
CA GLY A 67 -33.75 -9.53 8.12
C GLY A 67 -33.23 -9.10 9.48
N ILE A 68 -34.06 -8.40 10.23
CA ILE A 68 -33.69 -7.97 11.58
C ILE A 68 -34.72 -8.60 12.49
N PRO A 69 -34.26 -9.33 13.51
CA PRO A 69 -35.17 -9.99 14.44
C PRO A 69 -36.01 -9.01 15.26
N ASN A 70 -37.28 -9.32 15.42
CA ASN A 70 -38.15 -8.44 16.21
C ASN A 70 -37.71 -8.50 17.66
N VAL A 71 -37.98 -7.43 18.40
CA VAL A 71 -37.64 -7.40 19.82
C VAL A 71 -38.97 -7.61 20.54
N TYR A 72 -38.96 -8.18 21.74
CA TYR A 72 -40.23 -8.42 22.43
C TYR A 72 -40.34 -8.01 23.88
N TYR A 73 -39.21 -7.69 24.50
CA TYR A 73 -39.24 -7.31 25.90
C TYR A 73 -37.86 -7.01 26.46
N PHE A 74 -37.84 -6.33 27.60
CA PHE A 74 -36.62 -5.98 28.26
C PHE A 74 -36.93 -5.43 29.65
N GLY A 75 -36.41 -6.06 30.70
CA GLY A 75 -36.66 -5.59 32.05
C GLY A 75 -35.56 -5.87 33.06
N GLN A 76 -35.93 -6.00 34.33
CA GLN A 76 -34.97 -6.26 35.41
C GLN A 76 -35.40 -7.39 36.34
N GLU A 77 -34.92 -8.61 36.08
CA GLU A 77 -35.25 -9.77 36.89
C GLU A 77 -34.14 -10.11 37.88
N GLY A 78 -34.17 -9.47 39.03
CA GLY A 78 -33.15 -9.73 40.03
C GLY A 78 -31.76 -9.30 39.62
N LEU A 79 -30.80 -10.20 39.81
CA LEU A 79 -29.40 -9.95 39.48
C LEU A 79 -29.24 -9.81 37.96
N HIS A 80 -30.35 -9.79 37.22
CA HIS A 80 -30.23 -9.74 35.77
C HIS A 80 -30.99 -8.70 34.97
N ASN A 81 -30.72 -8.75 33.67
CA ASN A 81 -31.34 -7.91 32.65
C ASN A 81 -31.79 -8.89 31.57
N VAL A 82 -33.04 -8.80 31.16
CA VAL A 82 -33.51 -9.71 30.13
C VAL A 82 -33.99 -9.00 28.88
N LEU A 83 -33.79 -9.66 27.74
CA LEU A 83 -34.17 -9.13 26.45
C LEU A 83 -34.79 -10.28 25.68
N VAL A 84 -36.05 -10.15 25.30
CA VAL A 84 -36.74 -11.20 24.56
C VAL A 84 -36.63 -10.94 23.07
N ILE A 85 -36.33 -12.00 22.30
CA ILE A 85 -36.16 -11.88 20.85
C ILE A 85 -36.67 -13.13 20.09
N ASP A 86 -37.02 -12.97 18.82
CA ASP A 86 -37.49 -14.08 17.99
C ASP A 86 -36.49 -15.22 18.00
N LEU A 87 -36.98 -16.44 17.85
CA LEU A 87 -36.08 -17.57 17.80
C LEU A 87 -35.61 -17.62 16.38
N LEU A 88 -34.43 -18.20 16.15
CA LEU A 88 -33.93 -18.29 14.79
C LEU A 88 -33.10 -19.55 14.62
N GLY A 89 -32.94 -19.95 13.37
CA GLY A 89 -32.18 -21.16 13.06
C GLY A 89 -30.70 -21.11 13.34
N PRO A 90 -29.97 -22.17 12.96
CA PRO A 90 -28.53 -22.24 13.18
C PRO A 90 -27.76 -21.08 12.56
N SER A 91 -26.59 -20.77 13.15
CA SER A 91 -25.74 -19.69 12.66
C SER A 91 -24.89 -20.12 11.47
N LEU A 92 -24.65 -19.18 10.57
CA LEU A 92 -23.88 -19.49 9.38
C LEU A 92 -22.59 -20.21 9.69
N GLU A 93 -22.09 -20.04 10.92
CA GLU A 93 -20.85 -20.67 11.36
C GLU A 93 -21.04 -22.18 11.55
N ASP A 94 -22.12 -22.59 12.20
CA ASP A 94 -22.37 -24.02 12.37
C ASP A 94 -22.68 -24.58 11.00
N LEU A 95 -23.53 -23.87 10.27
CA LEU A 95 -23.91 -24.30 8.94
C LEU A 95 -22.65 -24.68 8.17
N LEU A 96 -21.68 -23.78 8.14
CA LEU A 96 -20.42 -24.01 7.43
C LEU A 96 -19.88 -25.36 7.84
N ASP A 97 -19.68 -25.52 9.14
CA ASP A 97 -19.16 -26.75 9.73
C ASP A 97 -20.01 -27.92 9.28
N LEU A 98 -21.32 -27.74 9.37
CA LEU A 98 -22.25 -28.78 8.99
C LEU A 98 -22.24 -29.06 7.48
N CYS A 99 -22.05 -28.04 6.67
CA CYS A 99 -22.05 -28.26 5.23
C CYS A 99 -20.73 -28.83 4.74
N GLY A 100 -19.80 -29.09 5.66
CA GLY A 100 -18.52 -29.64 5.25
C GLY A 100 -17.43 -28.59 5.10
N ARG A 101 -17.00 -28.04 6.23
CA ARG A 101 -15.94 -27.04 6.33
C ARG A 101 -15.85 -25.92 5.30
N LYS A 102 -16.78 -25.86 4.35
CA LYS A 102 -16.79 -24.79 3.35
C LYS A 102 -18.02 -24.81 2.45
N PHE A 103 -18.41 -23.62 1.99
CA PHE A 103 -19.58 -23.47 1.12
C PHE A 103 -19.16 -23.43 -0.35
N SER A 104 -20.14 -23.35 -1.23
CA SER A 104 -19.89 -23.30 -2.66
C SER A 104 -20.17 -21.90 -3.21
N VAL A 105 -19.36 -21.46 -4.17
CA VAL A 105 -19.52 -20.13 -4.76
C VAL A 105 -20.97 -19.69 -4.75
N LYS A 106 -21.86 -20.52 -5.29
CA LYS A 106 -23.25 -20.12 -5.30
C LYS A 106 -23.68 -19.68 -3.91
N THR A 107 -23.86 -20.65 -3.03
CA THR A 107 -24.27 -20.38 -1.66
C THR A 107 -23.62 -19.12 -1.09
N VAL A 108 -22.32 -18.97 -1.31
CA VAL A 108 -21.64 -17.79 -0.81
C VAL A 108 -22.29 -16.56 -1.43
N ALA A 109 -22.22 -16.46 -2.74
CA ALA A 109 -22.80 -15.32 -3.45
C ALA A 109 -24.18 -14.92 -2.94
N MET A 110 -25.04 -15.90 -2.72
CA MET A 110 -26.38 -15.59 -2.24
C MET A 110 -26.44 -15.09 -0.81
N ALA A 111 -25.50 -15.54 0.01
CA ALA A 111 -25.43 -15.14 1.40
C ALA A 111 -24.88 -13.74 1.44
N ALA A 112 -23.79 -13.55 0.72
CA ALA A 112 -23.13 -12.26 0.64
C ALA A 112 -24.16 -11.18 0.42
N LYS A 113 -25.03 -11.37 -0.56
CA LYS A 113 -26.03 -10.36 -0.83
C LYS A 113 -26.81 -9.99 0.42
N GLN A 114 -27.57 -10.94 0.96
CA GLN A 114 -28.36 -10.67 2.16
C GLN A 114 -27.50 -10.05 3.25
N MET A 115 -26.40 -10.71 3.57
CA MET A 115 -25.50 -10.20 4.59
C MET A 115 -25.23 -8.74 4.26
N LEU A 116 -24.47 -8.51 3.19
CA LEU A 116 -24.14 -7.17 2.76
C LEU A 116 -25.34 -6.23 2.86
N ALA A 117 -26.55 -6.78 2.68
CA ALA A 117 -27.76 -5.96 2.76
C ALA A 117 -28.02 -5.51 4.18
N ARG A 118 -27.72 -6.41 5.11
CA ARG A 118 -27.91 -6.18 6.53
C ARG A 118 -26.96 -5.14 7.07
N VAL A 119 -25.71 -5.23 6.63
CA VAL A 119 -24.69 -4.31 7.06
C VAL A 119 -24.91 -2.92 6.44
N GLN A 120 -25.81 -2.82 5.46
CA GLN A 120 -26.11 -1.52 4.86
C GLN A 120 -27.19 -0.91 5.72
N SER A 121 -28.32 -1.60 5.82
CA SER A 121 -29.44 -1.12 6.63
C SER A 121 -28.89 -0.46 7.89
N ILE A 122 -28.10 -1.22 8.63
CA ILE A 122 -27.49 -0.72 9.85
C ILE A 122 -26.77 0.60 9.58
N HIS A 123 -25.91 0.62 8.57
CA HIS A 123 -25.14 1.83 8.24
C HIS A 123 -26.05 3.00 7.94
N GLU A 124 -27.21 2.70 7.37
CA GLU A 124 -28.16 3.75 7.02
C GLU A 124 -28.86 4.26 8.28
N LYS A 125 -28.56 3.62 9.40
CA LYS A 125 -29.12 4.03 10.69
C LYS A 125 -27.97 4.68 11.45
N SER A 126 -26.97 5.16 10.71
CA SER A 126 -25.81 5.84 11.25
C SER A 126 -24.98 5.00 12.23
N LEU A 127 -24.99 3.67 12.04
CA LEU A 127 -24.28 2.75 12.93
C LEU A 127 -23.29 1.81 12.27
N VAL A 128 -22.07 1.76 12.78
CA VAL A 128 -21.09 0.80 12.27
C VAL A 128 -21.52 -0.43 13.10
N TYR A 129 -21.33 -1.64 12.58
CA TYR A 129 -21.72 -2.82 13.34
C TYR A 129 -20.59 -3.27 14.28
N ARG A 130 -19.35 -3.06 13.83
CA ARG A 130 -18.13 -3.36 14.59
C ARG A 130 -17.88 -4.74 15.20
N ASP A 131 -18.64 -5.75 14.78
CA ASP A 131 -18.45 -7.11 15.30
C ASP A 131 -18.92 -8.11 14.26
N ILE A 132 -18.33 -8.01 13.06
CA ILE A 132 -18.68 -8.87 11.95
C ILE A 132 -17.99 -10.22 11.94
N LYS A 133 -18.78 -11.26 12.20
CA LYS A 133 -18.33 -12.62 12.21
C LYS A 133 -19.51 -13.47 11.79
N PRO A 134 -19.26 -14.59 11.09
CA PRO A 134 -20.29 -15.50 10.59
C PRO A 134 -21.17 -16.08 11.68
N ASP A 135 -20.66 -16.04 12.91
CA ASP A 135 -21.38 -16.58 14.07
C ASP A 135 -22.58 -15.69 14.42
N ASN A 136 -22.57 -14.47 13.88
CA ASN A 136 -23.63 -13.50 14.14
C ASN A 136 -24.75 -13.51 13.11
N PHE A 137 -24.62 -14.33 12.07
CA PHE A 137 -25.67 -14.39 11.06
C PHE A 137 -26.43 -15.70 11.22
N LEU A 138 -27.75 -15.58 11.35
CA LEU A 138 -28.60 -16.73 11.54
C LEU A 138 -29.59 -16.81 10.42
N ILE A 139 -30.24 -17.96 10.33
CA ILE A 139 -31.25 -18.17 9.32
C ILE A 139 -32.61 -18.31 10.02
N GLY A 140 -33.70 -17.96 9.35
CA GLY A 140 -34.99 -18.08 9.99
C GLY A 140 -35.14 -19.48 10.55
N ARG A 141 -36.07 -19.69 11.48
CA ARG A 141 -36.25 -21.02 12.05
C ARG A 141 -36.34 -22.07 10.95
N PRO A 142 -35.86 -23.29 11.22
CA PRO A 142 -35.85 -24.43 10.30
C PRO A 142 -36.97 -24.57 9.27
N ASN A 143 -38.22 -24.65 9.72
CA ASN A 143 -39.34 -24.80 8.80
C ASN A 143 -40.37 -23.69 8.91
N SER A 144 -40.07 -22.51 8.38
CA SER A 144 -41.02 -21.40 8.44
C SER A 144 -41.08 -20.64 7.12
N LYS A 145 -41.38 -19.35 7.21
CA LYS A 145 -41.50 -18.48 6.03
C LYS A 145 -40.24 -17.67 5.83
N ASN A 146 -39.27 -17.83 6.73
CA ASN A 146 -38.05 -17.07 6.64
C ASN A 146 -36.79 -17.93 6.68
N ALA A 147 -36.98 -19.24 6.83
CA ALA A 147 -35.87 -20.17 6.89
C ALA A 147 -34.81 -19.74 5.90
N ASN A 148 -35.23 -19.36 4.70
CA ASN A 148 -34.27 -18.96 3.70
C ASN A 148 -33.84 -17.51 3.80
N MET A 149 -33.92 -16.94 5.00
CA MET A 149 -33.49 -15.58 5.20
C MET A 149 -32.32 -15.60 6.17
N ILE A 150 -31.46 -14.61 6.10
CA ILE A 150 -30.32 -14.53 6.99
C ILE A 150 -30.45 -13.21 7.75
N TYR A 151 -30.45 -13.30 9.09
CA TYR A 151 -30.58 -12.13 9.94
C TYR A 151 -29.27 -11.76 10.58
N VAL A 152 -29.28 -10.65 11.30
CA VAL A 152 -28.11 -10.20 12.04
C VAL A 152 -28.56 -10.29 13.49
N VAL A 153 -27.62 -10.54 14.38
CA VAL A 153 -27.95 -10.62 15.79
C VAL A 153 -26.78 -10.12 16.63
N ASP A 154 -27.11 -9.64 17.83
CA ASP A 154 -26.12 -9.12 18.75
C ASP A 154 -25.60 -7.79 18.20
N PHE A 155 -26.02 -6.69 18.83
CA PHE A 155 -25.59 -5.37 18.43
C PHE A 155 -24.84 -4.77 19.58
N GLY A 156 -24.25 -5.65 20.38
CA GLY A 156 -23.52 -5.20 21.55
C GLY A 156 -22.30 -4.38 21.27
N MET A 157 -21.96 -4.21 20.00
CA MET A 157 -20.78 -3.41 19.73
C MET A 157 -21.05 -2.30 18.76
N VAL A 158 -22.28 -2.24 18.28
CA VAL A 158 -22.67 -1.20 17.36
C VAL A 158 -22.42 0.14 18.04
N LYS A 159 -22.02 1.11 17.24
CA LYS A 159 -21.73 2.46 17.71
C LYS A 159 -22.24 3.44 16.66
N PHE A 160 -22.43 4.69 17.06
CA PHE A 160 -22.87 5.71 16.12
C PHE A 160 -21.63 6.30 15.45
N TYR A 161 -21.56 6.20 14.14
CA TYR A 161 -20.42 6.73 13.40
C TYR A 161 -20.81 8.10 12.83
N ARG A 162 -22.08 8.44 13.00
CA ARG A 162 -22.55 9.71 12.50
C ARG A 162 -23.82 10.11 13.24
N ASP A 163 -24.01 11.42 13.41
CA ASP A 163 -25.21 11.89 14.10
C ASP A 163 -26.38 11.33 13.30
N PRO A 164 -27.20 10.48 13.92
CA PRO A 164 -28.32 9.95 13.15
C PRO A 164 -29.20 11.00 12.52
N VAL A 165 -29.07 12.25 12.98
CA VAL A 165 -29.87 13.36 12.47
C VAL A 165 -29.18 14.11 11.34
N THR A 166 -28.15 14.88 11.69
CA THR A 166 -27.40 15.64 10.71
C THR A 166 -26.65 14.69 9.76
N LYS A 167 -26.46 13.46 10.20
CA LYS A 167 -25.73 12.45 9.44
C LYS A 167 -24.26 12.90 9.33
N GLN A 168 -23.96 13.99 10.00
CA GLN A 168 -22.60 14.51 10.03
C GLN A 168 -21.72 13.45 10.65
N HIS A 169 -20.74 12.99 9.90
CA HIS A 169 -19.83 11.97 10.42
C HIS A 169 -19.05 12.52 11.59
N ILE A 170 -18.81 11.67 12.59
CA ILE A 170 -18.04 12.10 13.76
C ILE A 170 -16.53 11.87 13.48
N PRO A 171 -15.66 12.22 14.43
CA PRO A 171 -14.19 12.09 14.32
C PRO A 171 -13.53 10.89 13.61
N TYR A 172 -12.21 10.81 13.79
CA TYR A 172 -11.36 9.75 13.24
C TYR A 172 -10.03 9.71 14.01
N ARG A 173 -10.00 8.94 15.08
CA ARG A 173 -8.79 8.81 15.88
C ARG A 173 -7.89 7.72 15.33
N GLU A 174 -7.24 7.01 16.26
CA GLU A 174 -6.29 5.96 15.94
C GLU A 174 -5.53 5.77 17.26
N LYS A 175 -6.23 5.33 18.31
CA LYS A 175 -5.58 5.18 19.61
C LYS A 175 -6.37 4.49 20.74
N LYS A 176 -7.58 4.00 20.45
CA LYS A 176 -8.36 3.38 21.53
C LYS A 176 -8.38 1.86 21.70
N ASN A 177 -8.77 1.46 22.92
CA ASN A 177 -8.89 0.08 23.43
C ASN A 177 -8.38 -1.12 22.61
N LEU A 178 -9.28 -1.73 21.83
CA LEU A 178 -9.01 -2.91 20.99
C LEU A 178 -9.47 -4.19 21.67
N SER A 179 -10.73 -4.56 21.47
CA SER A 179 -11.26 -5.78 22.08
C SER A 179 -12.31 -6.47 21.21
N GLY A 180 -11.89 -6.96 20.05
CA GLY A 180 -12.82 -7.63 19.14
C GLY A 180 -12.51 -9.09 18.86
N THR A 181 -12.78 -9.53 17.63
CA THR A 181 -12.54 -10.91 17.23
C THR A 181 -11.57 -10.97 16.06
N ALA A 182 -10.31 -11.21 16.38
CA ALA A 182 -9.23 -11.27 15.40
C ALA A 182 -9.57 -11.68 13.96
N ARG A 183 -9.40 -12.97 13.68
CA ARG A 183 -9.61 -13.59 12.37
C ARG A 183 -10.27 -12.79 11.22
N TYR A 184 -11.23 -11.91 11.49
CA TYR A 184 -11.85 -11.18 10.39
C TYR A 184 -11.77 -9.65 10.39
N MET A 185 -11.33 -9.03 11.47
CA MET A 185 -11.31 -7.58 11.45
C MET A 185 -10.50 -7.02 10.30
N SER A 186 -10.75 -5.75 9.98
CA SER A 186 -10.05 -5.07 8.90
C SER A 186 -8.63 -4.78 9.37
N ILE A 187 -7.78 -4.36 8.44
CA ILE A 187 -6.40 -4.03 8.77
C ILE A 187 -6.41 -2.74 9.58
N ASN A 188 -7.29 -1.80 9.22
CA ASN A 188 -7.40 -0.54 9.95
C ASN A 188 -7.54 -0.88 11.41
N THR A 189 -8.60 -1.62 11.70
CA THR A 189 -8.91 -2.07 13.06
C THR A 189 -7.63 -2.54 13.75
N HIS A 190 -6.90 -3.41 13.07
CA HIS A 190 -5.64 -3.96 13.57
C HIS A 190 -4.64 -2.87 13.87
N LEU A 191 -4.60 -1.87 13.00
CA LEU A 191 -3.67 -0.75 13.12
C LEU A 191 -4.06 0.28 14.18
N GLY A 192 -5.23 0.13 14.77
CA GLY A 192 -5.66 1.06 15.79
C GLY A 192 -6.66 2.07 15.29
N ARG A 193 -6.70 2.26 13.97
CA ARG A 193 -7.64 3.22 13.40
C ARG A 193 -9.03 2.96 13.92
N GLU A 194 -9.86 4.00 13.90
CA GLU A 194 -11.24 3.90 14.33
C GLU A 194 -11.96 3.10 13.23
N GLN A 195 -13.18 2.65 13.51
CA GLN A 195 -13.92 1.87 12.54
C GLN A 195 -15.08 2.61 11.93
N SER A 196 -15.08 2.64 10.61
CA SER A 196 -16.10 3.30 9.82
C SER A 196 -16.81 2.24 9.01
N ARG A 197 -17.85 2.64 8.30
CA ARG A 197 -18.63 1.72 7.50
C ARG A 197 -17.78 0.86 6.59
N ARG A 198 -16.55 1.27 6.35
CA ARG A 198 -15.68 0.50 5.47
C ARG A 198 -15.19 -0.74 6.19
N ASP A 199 -14.80 -0.59 7.45
CA ASP A 199 -14.31 -1.70 8.24
C ASP A 199 -15.33 -2.84 8.26
N ASP A 200 -16.61 -2.50 8.23
CA ASP A 200 -17.65 -3.50 8.23
C ASP A 200 -17.64 -4.30 6.94
N LEU A 201 -17.57 -3.60 5.81
CA LEU A 201 -17.56 -4.29 4.51
C LEU A 201 -16.29 -5.11 4.32
N GLU A 202 -15.18 -4.63 4.86
CA GLU A 202 -13.92 -5.33 4.71
C GLU A 202 -13.96 -6.67 5.44
N ALA A 203 -14.31 -6.65 6.72
CA ALA A 203 -14.38 -7.90 7.49
C ALA A 203 -15.38 -8.87 6.87
N LEU A 204 -16.40 -8.32 6.21
CA LEU A 204 -17.44 -9.12 5.57
C LEU A 204 -16.84 -9.95 4.43
N GLY A 205 -15.78 -9.42 3.83
CA GLY A 205 -15.13 -10.12 2.75
C GLY A 205 -14.14 -11.13 3.30
N HIS A 206 -13.59 -10.84 4.47
CA HIS A 206 -12.68 -11.80 5.06
C HIS A 206 -13.57 -12.99 5.38
N VAL A 207 -14.84 -12.69 5.67
CA VAL A 207 -15.81 -13.71 6.00
C VAL A 207 -16.26 -14.49 4.76
N PHE A 208 -16.44 -13.79 3.64
CA PHE A 208 -16.84 -14.46 2.40
C PHE A 208 -15.72 -15.41 1.93
N MET A 209 -14.47 -15.03 2.21
CA MET A 209 -13.33 -15.84 1.82
C MET A 209 -13.15 -16.97 2.82
N TYR A 210 -13.66 -16.76 4.02
CA TYR A 210 -13.60 -17.78 5.06
C TYR A 210 -14.53 -18.90 4.56
N PHE A 211 -15.71 -18.52 4.10
CA PHE A 211 -16.68 -19.48 3.58
C PHE A 211 -16.09 -20.29 2.43
N LEU A 212 -15.52 -19.60 1.43
CA LEU A 212 -14.95 -20.25 0.26
C LEU A 212 -13.72 -21.10 0.55
N ARG A 213 -12.74 -20.50 1.21
CA ARG A 213 -11.50 -21.21 1.53
C ARG A 213 -11.63 -22.21 2.65
N GLY A 214 -12.55 -21.98 3.58
CA GLY A 214 -12.71 -22.88 4.71
C GLY A 214 -11.88 -22.33 5.84
N SER A 215 -10.99 -21.41 5.49
CA SER A 215 -10.14 -20.76 6.47
C SER A 215 -9.45 -19.53 5.85
N LEU A 216 -8.86 -18.71 6.70
CA LEU A 216 -8.14 -17.54 6.22
C LEU A 216 -6.67 -17.86 6.43
N PRO A 217 -5.77 -17.15 5.74
CA PRO A 217 -4.36 -17.46 5.93
C PRO A 217 -3.73 -17.05 7.27
N TRP A 218 -4.44 -16.24 8.05
CA TRP A 218 -3.87 -15.80 9.32
C TRP A 218 -4.30 -16.54 10.57
N GLN A 219 -5.19 -17.51 10.43
CA GLN A 219 -5.63 -18.26 11.60
C GLN A 219 -4.46 -18.99 12.26
N GLY A 220 -4.55 -19.17 13.56
CA GLY A 220 -3.51 -19.86 14.30
C GLY A 220 -2.17 -19.17 14.22
N LEU A 221 -1.64 -18.74 15.36
CA LEU A 221 -0.36 -18.05 15.39
C LEU A 221 0.39 -18.24 16.71
N LYS A 222 1.55 -18.85 16.63
CA LYS A 222 2.38 -19.12 17.79
C LYS A 222 3.31 -17.95 18.15
N ALA A 223 4.18 -18.17 19.14
CA ALA A 223 5.16 -17.19 19.62
C ALA A 223 4.55 -16.06 20.46
N ALA A 224 3.24 -15.89 20.39
CA ALA A 224 2.55 -14.83 21.13
C ALA A 224 1.75 -15.33 22.32
N THR A 225 0.77 -14.53 22.73
CA THR A 225 -0.10 -14.87 23.85
C THR A 225 -1.55 -14.57 23.49
N ASN A 226 -2.00 -13.35 23.80
CA ASN A 226 -3.36 -12.95 23.50
C ASN A 226 -3.47 -11.48 23.10
N LYS A 227 -2.86 -10.61 23.89
CA LYS A 227 -2.88 -9.17 23.60
C LYS A 227 -1.86 -8.87 22.50
N GLN A 228 -1.24 -9.93 21.98
CA GLN A 228 -0.22 -9.81 20.95
C GLN A 228 -0.62 -10.53 19.67
N LYS A 229 -1.46 -11.53 19.81
CA LYS A 229 -1.92 -12.30 18.66
C LYS A 229 -2.57 -11.37 17.64
N TYR A 230 -3.23 -10.33 18.13
CA TYR A 230 -3.90 -9.39 17.24
C TYR A 230 -2.86 -8.71 16.34
N GLU A 231 -1.59 -8.92 16.68
CA GLU A 231 -0.51 -8.34 15.90
C GLU A 231 -0.13 -9.29 14.79
N ARG A 232 0.40 -10.46 15.17
CA ARG A 232 0.80 -11.47 14.21
C ARG A 232 -0.26 -11.67 13.14
N ILE A 233 -1.52 -11.72 13.57
CA ILE A 233 -2.65 -11.90 12.67
C ILE A 233 -2.77 -10.71 11.72
N GLY A 234 -2.71 -9.51 12.28
CA GLY A 234 -2.81 -8.32 11.48
C GLY A 234 -1.69 -8.31 10.46
N GLU A 235 -0.47 -8.53 10.92
CA GLU A 235 0.67 -8.54 10.03
C GLU A 235 0.39 -9.47 8.85
N LYS A 236 0.18 -10.75 9.14
CA LYS A 236 -0.12 -11.70 8.07
C LYS A 236 -1.16 -11.15 7.14
N LYS A 237 -2.23 -10.59 7.71
CA LYS A 237 -3.29 -10.04 6.90
C LYS A 237 -2.67 -9.05 5.94
N GLN A 238 -1.76 -8.24 6.48
CA GLN A 238 -1.07 -7.21 5.71
C GLN A 238 -0.11 -7.81 4.70
N SER A 239 0.63 -8.83 5.12
CA SER A 239 1.60 -9.50 4.24
C SER A 239 0.94 -10.53 3.32
N THR A 240 -0.39 -10.48 3.24
CA THR A 240 -1.14 -11.38 2.39
C THR A 240 -1.86 -10.58 1.32
N PRO A 241 -1.37 -10.67 0.07
CA PRO A 241 -1.93 -9.98 -1.09
C PRO A 241 -3.29 -10.52 -1.47
N LEU A 242 -4.19 -9.64 -1.89
CA LEU A 242 -5.54 -10.08 -2.24
C LEU A 242 -5.62 -11.06 -3.39
N ARG A 243 -4.61 -11.09 -4.23
CA ARG A 243 -4.58 -12.04 -5.35
C ARG A 243 -4.48 -13.41 -4.72
N GLU A 244 -3.45 -13.57 -3.90
CA GLU A 244 -3.16 -14.81 -3.20
C GLU A 244 -4.37 -15.29 -2.40
N LEU A 245 -4.99 -14.38 -1.66
CA LEU A 245 -6.16 -14.69 -0.83
C LEU A 245 -7.37 -15.13 -1.63
N CYS A 246 -7.73 -14.34 -2.63
CA CYS A 246 -8.88 -14.66 -3.47
C CYS A 246 -8.48 -15.58 -4.61
N ALA A 247 -7.23 -15.99 -4.62
CA ALA A 247 -6.72 -16.87 -5.67
C ALA A 247 -7.63 -18.08 -5.89
N GLY A 248 -7.92 -18.34 -7.16
CA GLY A 248 -8.76 -19.47 -7.52
C GLY A 248 -10.23 -19.35 -7.15
N PHE A 249 -10.78 -18.15 -7.28
CA PHE A 249 -12.19 -17.92 -6.98
C PHE A 249 -12.68 -16.76 -7.81
N PRO A 250 -13.99 -16.69 -8.06
CA PRO A 250 -14.56 -15.60 -8.87
C PRO A 250 -13.83 -14.27 -8.72
N GLU A 251 -13.60 -13.58 -9.84
CA GLU A 251 -12.90 -12.30 -9.80
C GLU A 251 -13.66 -11.27 -9.00
N GLU A 252 -14.99 -11.39 -8.99
CA GLU A 252 -15.81 -10.45 -8.26
C GLU A 252 -15.32 -10.37 -6.82
N PHE A 253 -15.13 -11.53 -6.20
CA PHE A 253 -14.64 -11.57 -4.84
C PHE A 253 -13.42 -10.68 -4.70
N TYR A 254 -12.40 -10.89 -5.53
CA TYR A 254 -11.21 -10.05 -5.50
C TYR A 254 -11.68 -8.61 -5.66
N LYS A 255 -12.43 -8.35 -6.72
CA LYS A 255 -12.94 -7.01 -6.97
C LYS A 255 -13.57 -6.41 -5.72
N TYR A 256 -14.31 -7.24 -4.99
CA TYR A 256 -14.95 -6.79 -3.75
C TYR A 256 -13.90 -6.38 -2.71
N MET A 257 -13.09 -7.34 -2.29
CA MET A 257 -12.06 -7.05 -1.31
C MET A 257 -11.20 -5.84 -1.69
N HIS A 258 -10.78 -5.77 -2.95
CA HIS A 258 -9.94 -4.65 -3.37
C HIS A 258 -10.62 -3.33 -3.15
N TYR A 259 -11.91 -3.31 -3.41
CA TYR A 259 -12.69 -2.11 -3.20
C TYR A 259 -12.65 -1.75 -1.72
N ALA A 260 -13.25 -2.60 -0.89
CA ALA A 260 -13.33 -2.40 0.55
C ALA A 260 -12.02 -2.01 1.23
N ARG A 261 -10.98 -2.82 1.04
CA ARG A 261 -9.69 -2.54 1.65
C ARG A 261 -9.07 -1.22 1.20
N ASN A 262 -9.80 -0.49 0.36
CA ASN A 262 -9.27 0.76 -0.18
C ASN A 262 -10.09 2.05 0.03
N LEU A 263 -11.28 1.93 0.64
CA LEU A 263 -12.12 3.12 0.88
C LEU A 263 -11.58 4.06 1.95
N ALA A 264 -11.94 5.33 1.83
CA ALA A 264 -11.52 6.34 2.79
C ALA A 264 -12.34 6.23 4.07
N PHE A 265 -11.80 6.81 5.15
CA PHE A 265 -12.46 6.75 6.44
C PHE A 265 -13.89 7.35 6.47
N ASP A 266 -14.31 8.00 5.41
CA ASP A 266 -15.66 8.59 5.39
C ASP A 266 -16.42 8.17 4.14
N ALA A 267 -15.72 7.44 3.27
CA ALA A 267 -16.26 6.96 2.03
C ALA A 267 -17.59 6.22 2.18
N THR A 268 -18.60 6.66 1.42
CA THR A 268 -19.92 6.04 1.44
C THR A 268 -19.95 4.93 0.40
N PRO A 269 -19.79 3.68 0.86
CA PRO A 269 -19.79 2.49 0.00
C PRO A 269 -20.86 2.49 -1.06
N ASP A 270 -20.48 2.07 -2.27
CA ASP A 270 -21.40 1.98 -3.40
C ASP A 270 -22.05 0.63 -3.26
N TYR A 271 -22.89 0.50 -2.24
CA TYR A 271 -23.56 -0.76 -1.97
C TYR A 271 -24.10 -1.46 -3.21
N ASP A 272 -24.58 -0.69 -4.19
CA ASP A 272 -25.10 -1.32 -5.39
C ASP A 272 -23.99 -2.00 -6.16
N TYR A 273 -22.83 -1.37 -6.22
CA TYR A 273 -21.70 -1.96 -6.92
C TYR A 273 -21.34 -3.31 -6.31
N LEU A 274 -21.27 -3.35 -4.98
CA LEU A 274 -20.93 -4.56 -4.27
C LEU A 274 -21.99 -5.62 -4.45
N GLN A 275 -23.26 -5.23 -4.39
CA GLN A 275 -24.35 -6.19 -4.58
C GLN A 275 -24.33 -6.73 -6.01
N GLY A 276 -23.98 -5.88 -6.96
CA GLY A 276 -23.91 -6.30 -8.35
C GLY A 276 -22.84 -7.35 -8.60
N LEU A 277 -21.74 -7.26 -7.88
CA LEU A 277 -20.65 -8.20 -8.03
C LEU A 277 -21.06 -9.64 -7.75
N PHE A 278 -21.94 -9.84 -6.77
CA PHE A 278 -22.40 -11.18 -6.41
C PHE A 278 -23.47 -11.66 -7.36
N SER A 279 -24.27 -10.72 -7.86
CA SER A 279 -25.31 -11.05 -8.82
C SER A 279 -24.66 -11.60 -10.10
N LYS A 280 -23.53 -11.01 -10.50
CA LYS A 280 -22.79 -11.48 -11.67
C LYS A 280 -22.27 -12.89 -11.37
N VAL A 281 -21.64 -13.04 -10.21
CA VAL A 281 -21.11 -14.31 -9.77
C VAL A 281 -22.16 -15.38 -9.97
N LEU A 282 -23.42 -15.01 -9.77
CA LEU A 282 -24.51 -15.96 -9.93
C LEU A 282 -24.91 -16.05 -11.38
N GLU A 283 -24.55 -15.04 -12.17
CA GLU A 283 -24.87 -15.00 -13.60
C GLU A 283 -23.92 -15.91 -14.37
N ARG A 284 -22.68 -16.00 -13.92
CA ARG A 284 -21.69 -16.86 -14.55
C ARG A 284 -22.12 -18.30 -14.32
N LEU A 285 -22.58 -18.59 -13.10
CA LEU A 285 -23.01 -19.93 -12.74
C LEU A 285 -24.36 -20.34 -13.35
N ASN A 286 -25.00 -19.45 -14.09
CA ASN A 286 -26.28 -19.75 -14.71
C ASN A 286 -27.37 -20.01 -13.68
N THR A 287 -27.06 -19.76 -12.42
CA THR A 287 -28.03 -19.98 -11.35
C THR A 287 -28.81 -18.68 -11.11
N THR A 288 -29.56 -18.66 -10.03
CA THR A 288 -30.38 -17.50 -9.70
C THR A 288 -30.40 -17.36 -8.18
N GLU A 289 -30.99 -16.26 -7.67
CA GLU A 289 -31.03 -16.03 -6.21
C GLU A 289 -32.20 -16.74 -5.57
N ASP A 290 -32.21 -18.05 -5.78
CA ASP A 290 -33.22 -18.93 -5.18
C ASP A 290 -32.43 -19.37 -3.96
N GLU A 291 -33.00 -19.96 -2.93
CA GLU A 291 -32.14 -20.18 -1.75
C GLU A 291 -31.58 -21.58 -1.64
N ASN A 292 -31.15 -22.17 -2.74
CA ASN A 292 -30.56 -23.52 -2.69
C ASN A 292 -29.23 -23.47 -1.95
N PHE A 293 -29.28 -23.06 -0.69
CA PHE A 293 -28.09 -23.01 0.11
C PHE A 293 -27.72 -24.46 0.23
N ASP A 294 -26.44 -24.71 0.51
CA ASP A 294 -25.95 -26.06 0.64
C ASP A 294 -26.56 -26.72 1.86
N TRP A 295 -27.10 -25.90 2.77
CA TRP A 295 -27.67 -26.42 3.99
C TRP A 295 -29.15 -26.80 4.08
N ASN A 296 -29.77 -27.23 2.98
CA ASN A 296 -31.16 -27.65 3.04
C ASN A 296 -31.30 -29.02 2.41
N LEU A 297 -30.31 -29.86 2.66
CA LEU A 297 -30.28 -31.20 2.14
C LEU A 297 -29.93 -32.12 3.31
N LEU A 298 -28.90 -31.75 4.04
CA LEU A 298 -28.44 -32.54 5.19
C LEU A 298 -27.89 -33.86 4.65
N ASN B 6 6.29 -2.46 11.68
CA ASN B 6 6.13 -1.03 12.06
C ASN B 6 5.59 -0.24 10.86
N VAL B 7 4.29 0.04 10.86
CA VAL B 7 3.69 0.80 9.77
C VAL B 7 4.11 2.25 9.92
N VAL B 8 4.27 2.93 8.79
CA VAL B 8 4.66 4.32 8.79
C VAL B 8 3.81 5.13 7.85
N GLY B 9 3.59 6.40 8.21
CA GLY B 9 2.81 7.27 7.36
C GLY B 9 1.34 6.94 7.24
N VAL B 10 0.74 6.52 8.34
CA VAL B 10 -0.67 6.17 8.37
C VAL B 10 -0.99 4.76 7.82
N HIS B 11 -0.30 4.32 6.76
CA HIS B 11 -0.54 2.98 6.20
C HIS B 11 0.46 2.49 5.17
N TYR B 12 1.73 2.52 5.55
CA TYR B 12 2.87 2.05 4.73
C TYR B 12 3.76 1.24 5.64
N LYS B 13 3.68 -0.09 5.55
CA LYS B 13 4.50 -0.94 6.41
C LYS B 13 5.94 -1.10 5.95
N VAL B 14 6.87 -0.75 6.83
CA VAL B 14 8.29 -0.85 6.54
C VAL B 14 8.64 -2.29 6.13
N GLY B 15 9.84 -2.49 5.60
CA GLY B 15 10.24 -3.81 5.17
C GLY B 15 11.74 -4.04 5.19
N ARG B 16 12.21 -4.85 4.24
CA ARG B 16 13.62 -5.20 4.12
C ARG B 16 14.52 -4.08 3.62
N ARG B 17 15.63 -3.83 4.32
CA ARG B 17 16.56 -2.80 3.88
C ARG B 17 16.92 -3.15 2.45
N ILE B 18 17.07 -2.14 1.61
CA ILE B 18 17.41 -2.40 0.22
C ILE B 18 18.62 -1.60 -0.18
N GLY B 19 18.79 -0.43 0.42
CA GLY B 19 19.95 0.37 0.09
C GLY B 19 20.24 1.54 1.00
N GLU B 20 21.49 1.99 0.95
CA GLU B 20 21.93 3.13 1.73
C GLU B 20 22.12 4.24 0.71
N GLY B 21 21.64 5.44 1.04
CA GLY B 21 21.76 6.54 0.10
C GLY B 21 23.07 7.29 0.22
N SER B 22 23.16 8.43 -0.46
CA SER B 22 24.37 9.23 -0.38
C SER B 22 24.39 9.77 1.05
N PHE B 23 23.28 9.55 1.76
CA PHE B 23 23.17 10.01 3.13
C PHE B 23 22.29 9.12 4.01
N GLY B 24 21.11 8.77 3.52
CA GLY B 24 20.23 7.96 4.34
C GLY B 24 20.30 6.46 4.14
N VAL B 25 19.19 5.80 4.44
CA VAL B 25 19.07 4.37 4.30
C VAL B 25 17.65 4.22 3.78
N ILE B 26 17.46 3.37 2.77
CA ILE B 26 16.15 3.19 2.17
C ILE B 26 15.59 1.80 2.41
N PHE B 27 14.34 1.77 2.85
CA PHE B 27 13.65 0.51 3.12
C PHE B 27 12.49 0.45 2.16
N GLU B 28 11.91 -0.74 1.98
CA GLU B 28 10.78 -0.85 1.11
C GLU B 28 9.61 -1.20 1.99
N GLY B 29 8.43 -1.29 1.41
CA GLY B 29 7.26 -1.60 2.18
C GLY B 29 6.07 -1.47 1.27
N THR B 30 4.90 -1.83 1.75
CA THR B 30 3.69 -1.77 0.93
C THR B 30 2.70 -0.74 1.51
N ASN B 31 1.82 -0.24 0.65
CA ASN B 31 0.79 0.70 1.07
C ASN B 31 -0.40 -0.12 1.57
N LEU B 32 -0.69 -0.05 2.86
CA LEU B 32 -1.79 -0.82 3.43
C LEU B 32 -3.17 -0.59 2.79
N LEU B 33 -3.43 0.64 2.31
CA LEU B 33 -4.71 0.96 1.65
C LEU B 33 -4.82 0.08 0.42
N ASN B 34 -4.01 0.43 -0.56
CA ASN B 34 -3.92 -0.29 -1.82
C ASN B 34 -2.56 -0.92 -1.71
N ASN B 35 -2.46 -2.22 -1.99
CA ASN B 35 -1.19 -2.94 -1.89
C ASN B 35 -0.13 -2.46 -2.88
N GLN B 36 0.02 -1.14 -3.00
CA GLN B 36 0.99 -0.49 -3.88
C GLN B 36 2.36 -0.38 -3.21
N GLN B 37 3.36 -0.98 -3.84
CA GLN B 37 4.72 -0.97 -3.33
C GLN B 37 5.22 0.47 -3.21
N VAL B 38 6.07 0.72 -2.23
CA VAL B 38 6.67 2.04 -2.05
C VAL B 38 8.09 1.85 -1.54
N ALA B 39 8.74 2.95 -1.17
CA ALA B 39 10.10 2.90 -0.68
C ALA B 39 10.30 4.00 0.36
N ILE B 40 10.48 3.59 1.61
CA ILE B 40 10.67 4.54 2.72
C ILE B 40 12.15 4.79 2.98
N LYS B 41 12.54 6.05 3.17
CA LYS B 41 13.93 6.40 3.43
C LYS B 41 14.00 7.04 4.81
N PHE B 42 14.80 6.49 5.71
CA PHE B 42 14.91 7.06 7.06
C PHE B 42 16.12 7.97 7.24
N GLU B 43 15.96 8.94 8.12
CA GLU B 43 17.04 9.86 8.42
C GLU B 43 16.85 10.52 9.78
N PRO B 44 17.56 10.03 10.81
CA PRO B 44 17.43 10.62 12.14
C PRO B 44 17.81 12.10 12.24
N ARG B 45 17.33 12.75 13.29
CA ARG B 45 17.63 14.16 13.54
C ARG B 45 19.05 14.27 14.09
N ARG B 46 20.03 14.11 13.20
CA ARG B 46 21.43 14.13 13.59
C ARG B 46 22.25 15.39 13.27
N SER B 47 23.57 15.25 13.46
CA SER B 47 24.58 16.29 13.25
C SER B 47 24.23 17.33 12.22
N ASP B 48 24.97 17.29 11.12
CA ASP B 48 24.74 18.19 10.00
C ASP B 48 23.34 17.80 9.52
N ALA B 49 23.13 17.72 8.21
CA ALA B 49 21.81 17.30 7.79
C ALA B 49 21.41 17.50 6.33
N PRO B 50 21.70 16.52 5.44
CA PRO B 50 21.33 16.61 4.01
C PRO B 50 19.82 16.28 4.12
N GLN B 51 19.30 16.60 5.30
CA GLN B 51 17.95 16.33 5.67
C GLN B 51 17.05 15.81 4.60
N LEU B 52 16.50 14.64 4.92
CA LEU B 52 15.58 13.96 4.05
C LEU B 52 14.48 14.97 3.67
N ARG B 53 14.28 16.00 4.49
CA ARG B 53 13.27 17.02 4.20
C ARG B 53 13.66 17.84 2.96
N ASP B 54 14.94 18.15 2.82
CA ASP B 54 15.41 18.90 1.66
C ASP B 54 15.24 18.08 0.39
N GLU B 55 15.49 16.78 0.50
CA GLU B 55 15.30 15.92 -0.66
C GLU B 55 13.79 15.99 -0.94
N TYR B 56 13.00 16.19 0.11
CA TYR B 56 11.55 16.29 -0.04
C TYR B 56 11.29 17.52 -0.86
N ARG B 57 11.95 18.61 -0.48
CA ARG B 57 11.81 19.86 -1.18
C ARG B 57 12.16 19.62 -2.65
N THR B 58 13.41 19.21 -2.90
CA THR B 58 13.87 18.94 -4.26
C THR B 58 12.98 17.93 -4.98
N TYR B 59 12.37 17.01 -4.24
CA TYR B 59 11.52 16.01 -4.86
C TYR B 59 10.23 16.63 -5.38
N LYS B 60 9.52 17.33 -4.51
CA LYS B 60 8.27 17.98 -4.90
C LYS B 60 8.58 18.99 -5.99
N LEU B 61 9.76 19.59 -5.91
CA LEU B 61 10.17 20.56 -6.91
C LEU B 61 10.20 19.85 -8.26
N LEU B 62 11.21 19.01 -8.46
CA LEU B 62 11.36 18.28 -9.72
C LEU B 62 10.12 17.46 -10.08
N ALA B 63 9.24 17.26 -9.11
CA ALA B 63 8.01 16.49 -9.33
C ALA B 63 7.24 17.10 -10.47
N GLY B 64 6.57 16.23 -11.23
CA GLY B 64 5.83 16.66 -12.39
C GLY B 64 6.64 16.17 -13.57
N CYS B 65 7.89 16.63 -13.62
CA CYS B 65 8.85 16.27 -14.67
C CYS B 65 8.97 14.76 -14.81
N THR B 66 9.15 14.30 -16.04
CA THR B 66 9.27 12.87 -16.31
C THR B 66 10.60 12.28 -15.86
N GLY B 67 10.54 11.06 -15.36
CA GLY B 67 11.74 10.39 -14.90
C GLY B 67 12.10 10.78 -13.48
N ILE B 68 11.11 11.24 -12.72
CA ILE B 68 11.32 11.62 -11.34
C ILE B 68 10.27 10.97 -10.44
N PRO B 69 10.71 10.33 -9.36
CA PRO B 69 9.83 9.65 -8.40
C PRO B 69 8.89 10.58 -7.60
N ASN B 70 7.62 10.22 -7.59
CA ASN B 70 6.61 11.00 -6.88
C ASN B 70 6.69 10.65 -5.40
N VAL B 71 6.89 11.66 -4.56
CA VAL B 71 6.93 11.42 -3.11
C VAL B 71 5.47 11.20 -2.70
N TYR B 72 5.25 10.39 -1.68
CA TYR B 72 3.89 10.11 -1.22
C TYR B 72 3.69 10.50 0.22
N TYR B 73 4.77 10.83 0.92
CA TYR B 73 4.64 11.16 2.32
C TYR B 73 5.97 11.64 2.85
N PHE B 74 5.95 12.12 4.10
CA PHE B 74 7.13 12.60 4.79
C PHE B 74 6.77 13.03 6.21
N GLY B 75 7.30 12.32 7.20
CA GLY B 75 7.02 12.65 8.57
C GLY B 75 8.26 12.52 9.44
N GLN B 76 8.07 12.60 10.76
CA GLN B 76 9.16 12.48 11.72
C GLN B 76 8.86 11.46 12.82
N GLU B 77 8.15 10.40 12.46
CA GLU B 77 7.77 9.33 13.37
C GLU B 77 9.04 8.69 13.93
N GLY B 78 9.27 8.84 15.22
CA GLY B 78 10.46 8.25 15.83
C GLY B 78 11.64 9.22 15.82
N LEU B 79 12.77 8.80 16.36
CA LEU B 79 13.94 9.66 16.40
C LEU B 79 14.68 9.68 15.08
N HIS B 80 13.93 9.92 14.01
CA HIS B 80 14.46 10.00 12.64
C HIS B 80 13.39 10.45 11.63
N ASN B 81 13.84 10.81 10.43
CA ASN B 81 12.95 11.28 9.37
C ASN B 81 12.68 10.24 8.29
N VAL B 82 11.40 10.03 8.00
CA VAL B 82 11.00 9.08 6.97
C VAL B 82 10.57 9.88 5.72
N LEU B 83 10.70 9.27 4.55
CA LEU B 83 10.33 9.90 3.29
C LEU B 83 9.90 8.78 2.36
N VAL B 84 8.66 8.82 1.91
CA VAL B 84 8.20 7.76 1.04
C VAL B 84 8.16 8.13 -0.45
N ILE B 85 8.71 7.24 -1.27
CA ILE B 85 8.81 7.38 -2.72
C ILE B 85 8.32 6.06 -3.33
N ASP B 86 8.09 6.03 -4.65
CA ASP B 86 7.64 4.80 -5.29
C ASP B 86 8.81 3.88 -5.51
N LEU B 87 8.56 2.59 -5.36
CA LEU B 87 9.58 1.58 -5.53
C LEU B 87 9.94 1.43 -6.99
N LEU B 88 11.14 1.88 -7.34
CA LEU B 88 11.60 1.76 -8.71
C LEU B 88 12.33 0.43 -8.75
N GLY B 89 12.93 0.10 -9.88
CA GLY B 89 13.62 -1.18 -9.98
C GLY B 89 15.11 -1.16 -9.74
N PRO B 90 15.84 -2.15 -10.27
CA PRO B 90 17.28 -2.14 -10.06
C PRO B 90 17.92 -0.94 -10.75
N SER B 91 19.17 -0.65 -10.37
CA SER B 91 19.90 0.47 -10.92
C SER B 91 20.68 0.13 -12.17
N LEU B 92 20.99 1.15 -12.96
CA LEU B 92 21.73 0.92 -14.18
C LEU B 92 23.04 0.24 -13.84
N GLU B 93 23.47 0.38 -12.60
CA GLU B 93 24.71 -0.24 -12.12
C GLU B 93 24.56 -1.75 -12.01
N ASP B 94 23.60 -2.19 -11.18
CA ASP B 94 23.37 -3.62 -10.99
C ASP B 94 23.00 -4.27 -12.31
N LEU B 95 22.34 -3.51 -13.16
CA LEU B 95 21.92 -4.03 -14.46
C LEU B 95 23.15 -4.26 -15.31
N LEU B 96 24.15 -3.40 -15.15
CA LEU B 96 25.39 -3.52 -15.92
C LEU B 96 25.92 -4.90 -15.63
N ASP B 97 26.24 -5.12 -14.36
CA ASP B 97 26.75 -6.40 -13.89
C ASP B 97 25.86 -7.53 -14.41
N LEU B 98 24.59 -7.43 -14.09
CA LEU B 98 23.63 -8.45 -14.48
C LEU B 98 23.61 -8.73 -15.98
N CYS B 99 24.15 -7.82 -16.79
CA CYS B 99 24.12 -8.03 -18.23
C CYS B 99 25.44 -8.49 -18.84
N GLY B 100 26.43 -8.75 -18.01
CA GLY B 100 27.70 -9.19 -18.54
C GLY B 100 28.70 -8.07 -18.42
N ARG B 101 28.56 -7.27 -17.38
CA ARG B 101 29.44 -6.14 -17.11
C ARG B 101 29.66 -5.17 -18.29
N LYS B 102 28.76 -5.16 -19.26
CA LYS B 102 28.87 -4.26 -20.42
C LYS B 102 27.55 -4.10 -21.17
N PHE B 103 27.19 -2.87 -21.52
CA PHE B 103 25.95 -2.68 -22.28
C PHE B 103 26.32 -2.53 -23.72
N SER B 104 25.41 -2.93 -24.61
CA SER B 104 25.62 -2.80 -26.04
C SER B 104 25.40 -1.34 -26.43
N VAL B 105 25.83 -0.96 -27.63
CA VAL B 105 25.67 0.42 -28.09
C VAL B 105 24.19 0.79 -28.04
N LYS B 106 23.35 -0.06 -28.62
CA LYS B 106 21.90 0.15 -28.65
C LYS B 106 21.38 0.68 -27.33
N THR B 107 21.61 -0.08 -26.26
CA THR B 107 21.17 0.31 -24.93
C THR B 107 21.81 1.58 -24.42
N VAL B 108 23.13 1.67 -24.50
CA VAL B 108 23.80 2.85 -23.98
C VAL B 108 23.21 4.10 -24.58
N ALA B 109 22.96 4.07 -25.89
CA ALA B 109 22.39 5.23 -26.56
C ALA B 109 21.02 5.56 -25.99
N MET B 110 20.09 4.61 -26.09
CA MET B 110 18.75 4.83 -25.58
C MET B 110 18.79 5.25 -24.12
N ALA B 111 19.62 4.57 -23.34
CA ALA B 111 19.77 4.90 -21.93
C ALA B 111 20.21 6.36 -21.83
N ALA B 112 21.17 6.71 -22.68
CA ALA B 112 21.72 8.07 -22.73
C ALA B 112 20.67 9.14 -22.88
N LYS B 113 19.73 8.93 -23.80
CA LYS B 113 18.67 9.91 -24.05
C LYS B 113 17.82 10.20 -22.82
N GLN B 114 17.43 9.16 -22.09
CA GLN B 114 16.59 9.32 -20.92
C GLN B 114 17.36 9.95 -19.78
N MET B 115 18.63 9.59 -19.67
CA MET B 115 19.47 10.14 -18.64
C MET B 115 19.72 11.62 -18.91
N LEU B 116 20.16 11.95 -20.12
CA LEU B 116 20.39 13.33 -20.47
C LEU B 116 19.11 14.13 -20.23
N ALA B 117 17.97 13.53 -20.57
CA ALA B 117 16.66 14.17 -20.36
C ALA B 117 16.52 14.56 -18.91
N ARG B 118 16.65 13.58 -18.03
CA ARG B 118 16.55 13.79 -16.59
C ARG B 118 17.41 14.96 -16.15
N VAL B 119 18.71 14.86 -16.41
CA VAL B 119 19.62 15.92 -16.02
C VAL B 119 19.15 17.28 -16.56
N GLN B 120 18.35 17.24 -17.63
CA GLN B 120 17.82 18.45 -18.22
C GLN B 120 16.71 18.94 -17.31
N SER B 121 15.67 18.12 -17.20
CA SER B 121 14.53 18.42 -16.36
C SER B 121 15.02 18.97 -15.01
N ILE B 122 16.22 18.57 -14.60
CA ILE B 122 16.80 19.07 -13.35
C ILE B 122 17.42 20.44 -13.60
N HIS B 123 18.42 20.50 -14.47
CA HIS B 123 19.07 21.77 -14.79
C HIS B 123 18.01 22.77 -15.17
N GLU B 124 16.82 22.28 -15.49
CA GLU B 124 15.75 23.17 -15.91
C GLU B 124 14.82 23.63 -14.79
N LYS B 125 15.21 23.35 -13.55
CA LYS B 125 14.46 23.76 -12.37
C LYS B 125 15.42 24.64 -11.57
N SER B 126 16.56 24.92 -12.21
CA SER B 126 17.60 25.77 -11.68
C SER B 126 18.72 25.21 -10.78
N LEU B 127 18.87 23.90 -10.69
CA LEU B 127 19.95 23.36 -9.88
C LEU B 127 20.77 22.24 -10.52
N VAL B 128 22.08 22.22 -10.20
CA VAL B 128 22.98 21.20 -10.72
C VAL B 128 22.86 19.92 -9.90
N TYR B 129 23.21 18.77 -10.47
CA TYR B 129 23.05 17.52 -9.74
C TYR B 129 24.26 17.15 -8.90
N ARG B 130 25.44 17.52 -9.38
CA ARG B 130 26.70 17.26 -8.67
C ARG B 130 27.03 15.82 -8.26
N ASP B 131 26.11 14.87 -8.43
CA ASP B 131 26.39 13.50 -8.01
C ASP B 131 26.09 12.39 -9.01
N ILE B 132 26.27 12.69 -10.30
CA ILE B 132 26.02 11.72 -11.37
C ILE B 132 26.90 10.46 -11.21
N LYS B 133 26.23 9.31 -11.16
CA LYS B 133 26.83 7.96 -11.06
C LYS B 133 25.74 6.94 -11.36
N PRO B 134 26.07 5.86 -12.10
CA PRO B 134 25.15 4.79 -12.51
C PRO B 134 24.30 4.27 -11.38
N ASP B 135 24.76 4.51 -10.16
CA ASP B 135 24.06 4.03 -9.00
C ASP B 135 22.82 4.84 -8.66
N ASN B 136 22.62 5.95 -9.36
CA ASN B 136 21.47 6.80 -9.11
C ASN B 136 20.41 6.83 -10.23
N PHE B 137 20.60 6.02 -11.25
CA PHE B 137 19.60 5.96 -12.32
C PHE B 137 18.96 4.59 -12.19
N LEU B 138 17.65 4.57 -12.02
CA LEU B 138 16.89 3.35 -11.85
C LEU B 138 15.84 3.14 -12.90
N ILE B 139 15.64 1.90 -13.30
CA ILE B 139 14.59 1.60 -14.26
C ILE B 139 13.24 1.69 -13.52
N GLY B 140 12.14 1.58 -14.26
CA GLY B 140 10.85 1.68 -13.62
C GLY B 140 10.63 0.43 -12.80
N ARG B 141 9.53 0.41 -12.05
CA ARG B 141 9.22 -0.75 -11.22
C ARG B 141 9.17 -1.97 -12.14
N PRO B 142 10.00 -2.99 -11.85
CA PRO B 142 10.13 -4.23 -12.59
C PRO B 142 9.00 -4.66 -13.53
N ASN B 143 7.74 -4.50 -13.12
CA ASN B 143 6.64 -4.92 -14.00
C ASN B 143 5.56 -3.86 -14.29
N SER B 144 5.70 -2.67 -13.70
CA SER B 144 4.72 -1.62 -13.91
C SER B 144 4.75 -1.19 -15.36
N LYS B 145 4.44 0.09 -15.60
CA LYS B 145 4.46 0.67 -16.93
C LYS B 145 5.29 1.93 -16.88
N ASN B 146 6.58 1.72 -16.66
CA ASN B 146 7.58 2.77 -16.58
C ASN B 146 8.85 1.96 -16.41
N ALA B 147 8.66 0.65 -16.44
CA ALA B 147 9.73 -0.33 -16.30
C ALA B 147 10.77 -0.10 -17.38
N ASN B 148 10.35 0.57 -18.45
CA ASN B 148 11.26 0.88 -19.53
C ASN B 148 11.71 2.32 -19.36
N MET B 149 11.32 2.92 -18.24
CA MET B 149 11.70 4.29 -17.95
C MET B 149 12.84 4.31 -16.96
N ILE B 150 13.74 5.27 -17.12
CA ILE B 150 14.89 5.39 -16.24
C ILE B 150 14.70 6.65 -15.42
N TYR B 151 14.85 6.53 -14.10
CA TYR B 151 14.71 7.66 -13.18
C TYR B 151 16.01 8.21 -12.56
N VAL B 152 15.88 9.33 -11.86
CA VAL B 152 17.00 9.93 -11.18
C VAL B 152 16.54 9.86 -9.76
N VAL B 153 17.45 9.55 -8.86
CA VAL B 153 17.07 9.46 -7.46
C VAL B 153 18.27 9.94 -6.69
N ASP B 154 18.01 10.38 -5.46
CA ASP B 154 19.04 10.86 -4.57
C ASP B 154 19.50 12.27 -4.90
N PHE B 155 18.81 13.25 -4.33
CA PHE B 155 19.13 14.65 -4.57
C PHE B 155 19.90 15.25 -3.42
N GLY B 156 20.45 14.39 -2.59
CA GLY B 156 21.21 14.89 -1.46
C GLY B 156 22.35 15.83 -1.77
N MET B 157 22.71 15.97 -3.03
CA MET B 157 23.80 16.87 -3.34
C MET B 157 23.48 17.94 -4.35
N VAL B 158 22.19 18.19 -4.56
CA VAL B 158 21.77 19.22 -5.50
C VAL B 158 22.20 20.58 -4.97
N LYS B 159 22.31 21.54 -5.87
CA LYS B 159 22.70 22.88 -5.51
C LYS B 159 22.37 23.84 -6.67
N PHE B 160 21.46 24.78 -6.41
CA PHE B 160 21.03 25.78 -7.40
C PHE B 160 22.21 26.43 -8.10
N TYR B 161 22.15 26.55 -9.42
CA TYR B 161 23.23 27.19 -10.17
C TYR B 161 22.76 28.57 -10.67
N ARG B 162 21.55 28.95 -10.28
CA ARG B 162 21.00 30.22 -10.68
C ARG B 162 19.77 30.60 -9.86
N ASP B 163 19.60 31.89 -9.60
CA ASP B 163 18.44 32.38 -8.85
C ASP B 163 17.21 31.84 -9.59
N PRO B 164 16.55 30.83 -9.01
CA PRO B 164 15.36 30.21 -9.60
C PRO B 164 14.22 31.11 -10.07
N VAL B 165 14.22 32.37 -9.69
CA VAL B 165 13.13 33.27 -10.11
C VAL B 165 13.66 34.47 -10.89
N THR B 166 14.89 34.36 -11.38
CA THR B 166 15.50 35.42 -12.15
C THR B 166 16.58 34.79 -13.02
N LYS B 167 16.69 33.47 -12.94
CA LYS B 167 17.66 32.70 -13.70
C LYS B 167 19.02 33.39 -13.82
N GLN B 168 19.43 34.13 -12.79
CA GLN B 168 20.71 34.84 -12.80
C GLN B 168 21.83 33.93 -12.30
N HIS B 169 22.70 33.48 -13.20
CA HIS B 169 23.77 32.56 -12.85
C HIS B 169 24.62 32.96 -11.66
N ILE B 170 24.81 31.99 -10.77
CA ILE B 170 25.59 32.13 -9.54
C ILE B 170 27.05 32.52 -9.75
N PRO B 171 27.64 33.18 -8.73
CA PRO B 171 29.04 33.64 -8.70
C PRO B 171 30.13 32.57 -8.59
N TYR B 172 30.57 32.09 -9.76
CA TYR B 172 31.63 31.06 -9.87
C TYR B 172 32.64 31.09 -8.71
N ARG B 173 32.91 29.92 -8.13
CA ARG B 173 33.85 29.82 -7.00
C ARG B 173 35.02 28.84 -7.23
N GLU B 174 36.04 28.95 -6.38
CA GLU B 174 37.22 28.11 -6.44
C GLU B 174 37.84 27.87 -5.06
N LYS B 175 37.51 26.73 -4.46
CA LYS B 175 38.03 26.34 -3.13
C LYS B 175 37.43 25.00 -2.73
N LYS B 176 37.01 24.23 -3.74
CA LYS B 176 36.40 22.93 -3.55
C LYS B 176 37.02 22.08 -2.44
N ASN B 177 36.15 21.43 -1.65
CA ASN B 177 36.57 20.57 -0.54
C ASN B 177 36.27 19.10 -0.88
N LEU B 178 36.55 18.72 -2.12
CA LEU B 178 36.36 17.37 -2.67
C LEU B 178 35.69 16.33 -1.78
N SER B 179 34.61 15.73 -2.27
CA SER B 179 33.91 14.71 -1.51
C SER B 179 33.16 13.73 -2.42
N GLY B 180 32.61 14.25 -3.50
CA GLY B 180 31.87 13.41 -4.45
C GLY B 180 32.55 12.14 -4.91
N THR B 181 31.73 11.16 -5.30
CA THR B 181 32.24 9.87 -5.77
C THR B 181 33.28 10.14 -6.85
N ALA B 182 34.53 9.74 -6.58
CA ALA B 182 35.59 9.97 -7.52
C ALA B 182 35.29 9.56 -8.98
N ARG B 183 35.64 8.32 -9.29
CA ARG B 183 35.48 7.76 -10.62
C ARG B 183 34.88 8.56 -11.79
N TYR B 184 33.68 9.09 -11.65
CA TYR B 184 33.07 9.80 -12.78
C TYR B 184 32.99 11.33 -12.76
N MET B 185 33.62 12.00 -11.81
CA MET B 185 33.45 13.45 -11.84
C MET B 185 34.17 14.15 -12.98
N SER B 186 33.71 15.36 -13.30
CA SER B 186 34.28 16.14 -14.38
C SER B 186 35.74 16.38 -14.13
N ILE B 187 36.42 16.97 -15.10
CA ILE B 187 37.84 17.26 -14.96
C ILE B 187 38.01 18.52 -14.13
N ASN B 188 37.14 19.49 -14.35
CA ASN B 188 37.24 20.73 -13.59
C ASN B 188 37.06 20.50 -12.11
N THR B 189 36.14 19.61 -11.75
CA THR B 189 35.90 19.33 -10.34
C THR B 189 37.15 18.89 -9.59
N HIS B 190 38.10 18.28 -10.30
CA HIS B 190 39.35 17.85 -9.67
C HIS B 190 40.23 19.08 -9.53
N LEU B 191 39.82 20.16 -10.19
CA LEU B 191 40.54 21.43 -10.18
C LEU B 191 39.81 22.43 -9.29
N GLY B 192 38.96 21.93 -8.40
CA GLY B 192 38.25 22.82 -7.50
C GLY B 192 37.09 23.64 -8.07
N ARG B 193 37.13 23.98 -9.36
CA ARG B 193 36.06 24.77 -9.96
C ARG B 193 34.69 24.35 -9.46
N GLU B 194 33.72 25.26 -9.50
CA GLU B 194 32.38 24.96 -9.03
C GLU B 194 31.59 24.25 -10.13
N GLN B 195 30.77 23.30 -9.73
CA GLN B 195 29.97 22.54 -10.67
C GLN B 195 28.74 23.23 -11.18
N SER B 196 28.65 23.37 -12.49
CA SER B 196 27.50 23.98 -13.15
C SER B 196 26.99 22.89 -14.09
N ARG B 197 25.89 23.18 -14.76
CA ARG B 197 25.30 22.22 -15.67
C ARG B 197 26.31 21.44 -16.51
N ARG B 198 27.48 22.00 -16.77
CA ARG B 198 28.46 21.29 -17.58
C ARG B 198 29.05 20.08 -16.87
N ASP B 199 29.52 20.27 -15.65
CA ASP B 199 30.10 19.15 -14.91
C ASP B 199 29.15 17.97 -14.78
N ASP B 200 27.86 18.20 -14.99
CA ASP B 200 26.88 17.11 -14.91
C ASP B 200 27.00 16.36 -16.23
N LEU B 201 26.77 17.08 -17.33
CA LEU B 201 26.87 16.51 -18.68
C LEU B 201 28.17 15.75 -18.89
N GLU B 202 29.28 16.32 -18.41
CA GLU B 202 30.57 15.67 -18.57
C GLU B 202 30.57 14.31 -17.89
N ALA B 203 30.26 14.31 -16.61
CA ALA B 203 30.19 13.07 -15.85
C ALA B 203 29.30 12.06 -16.56
N LEU B 204 28.08 12.49 -16.90
CA LEU B 204 27.11 11.63 -17.58
C LEU B 204 27.78 10.87 -18.73
N GLY B 205 28.87 11.44 -19.24
CA GLY B 205 29.58 10.80 -20.33
C GLY B 205 30.54 9.79 -19.74
N HIS B 206 31.16 10.14 -18.63
CA HIS B 206 32.09 9.22 -17.99
C HIS B 206 31.28 7.98 -17.61
N VAL B 207 29.97 8.17 -17.46
CA VAL B 207 29.08 7.07 -17.12
C VAL B 207 28.69 6.36 -18.40
N PHE B 208 28.66 7.09 -19.50
CA PHE B 208 28.30 6.50 -20.78
C PHE B 208 29.40 5.56 -21.24
N MET B 209 30.64 6.01 -21.10
CA MET B 209 31.76 5.18 -21.50
C MET B 209 31.84 4.02 -20.55
N TYR B 210 31.68 4.30 -19.26
CA TYR B 210 31.73 3.26 -18.24
C TYR B 210 30.79 2.12 -18.63
N PHE B 211 29.63 2.47 -19.19
CA PHE B 211 28.70 1.45 -19.62
C PHE B 211 29.27 0.68 -20.79
N LEU B 212 29.96 1.38 -21.69
CA LEU B 212 30.54 0.78 -22.89
C LEU B 212 31.79 -0.04 -22.67
N ARG B 213 32.80 0.56 -22.06
CA ARG B 213 34.04 -0.13 -21.80
C ARG B 213 33.90 -1.11 -20.65
N GLY B 214 32.91 -0.88 -19.80
CA GLY B 214 32.73 -1.76 -18.66
C GLY B 214 33.61 -1.27 -17.52
N SER B 215 34.45 -0.30 -17.84
CA SER B 215 35.37 0.30 -16.87
C SER B 215 36.00 1.61 -17.37
N LEU B 216 36.72 2.31 -16.49
CA LEU B 216 37.37 3.57 -16.87
C LEU B 216 38.86 3.62 -16.50
N PRO B 217 39.70 4.09 -17.42
CA PRO B 217 41.15 4.22 -17.26
C PRO B 217 41.59 4.50 -15.83
N TRP B 218 41.16 5.64 -15.34
CA TRP B 218 41.48 6.11 -14.00
C TRP B 218 40.83 5.28 -12.90
N GLN B 219 40.44 4.05 -13.22
CA GLN B 219 39.78 3.20 -12.23
C GLN B 219 40.80 2.30 -11.55
N GLY B 220 40.66 2.15 -10.24
CA GLY B 220 41.58 1.32 -9.48
C GLY B 220 42.97 1.93 -9.54
N LEU B 221 43.05 3.22 -9.24
CA LEU B 221 44.31 3.95 -9.26
C LEU B 221 44.99 4.08 -7.91
N LYS B 222 44.61 5.14 -7.21
CA LYS B 222 45.15 5.48 -5.90
C LYS B 222 46.32 4.62 -5.44
N ALA B 223 46.05 3.78 -4.46
CA ALA B 223 47.05 2.91 -3.84
C ALA B 223 47.73 3.78 -2.79
N ALA B 224 47.14 4.94 -2.54
CA ALA B 224 47.65 5.90 -1.56
C ALA B 224 46.54 6.18 -0.55
N THR B 225 45.84 7.30 -0.72
CA THR B 225 44.76 7.68 0.19
C THR B 225 43.64 8.43 -0.54
N ASN B 226 42.62 8.82 0.23
CA ASN B 226 41.48 9.54 -0.33
C ASN B 226 41.87 10.79 -1.10
N LYS B 227 42.38 11.80 -0.40
CA LYS B 227 42.78 13.05 -1.05
C LYS B 227 43.89 12.83 -2.08
N GLN B 228 44.46 11.63 -2.11
CA GLN B 228 45.52 11.28 -3.04
C GLN B 228 44.91 10.69 -4.31
N LYS B 229 43.96 9.79 -4.11
CA LYS B 229 43.27 9.14 -5.21
C LYS B 229 42.66 10.24 -6.06
N TYR B 230 41.85 11.08 -5.41
CA TYR B 230 41.19 12.20 -6.08
C TYR B 230 42.11 12.94 -7.03
N GLU B 231 43.39 12.96 -6.71
CA GLU B 231 44.37 13.63 -7.55
C GLU B 231 44.74 12.63 -8.64
N ARG B 232 45.24 11.47 -8.22
CA ARG B 232 45.63 10.40 -9.14
C ARG B 232 44.54 10.23 -10.20
N ILE B 233 43.38 9.73 -9.80
CA ILE B 233 42.25 9.55 -10.69
C ILE B 233 42.17 10.76 -11.61
N GLY B 234 41.64 11.86 -11.09
CA GLY B 234 41.49 13.09 -11.84
C GLY B 234 42.63 13.48 -12.78
N GLU B 235 43.87 13.37 -12.33
CA GLU B 235 45.01 13.68 -13.19
C GLU B 235 44.93 12.70 -14.35
N LYS B 236 44.78 11.43 -13.99
CA LYS B 236 44.66 10.36 -14.95
C LYS B 236 43.59 10.70 -15.98
N LYS B 237 42.50 11.32 -15.53
CA LYS B 237 41.41 11.70 -16.41
C LYS B 237 41.95 12.65 -17.46
N GLN B 238 42.77 13.60 -17.02
CA GLN B 238 43.37 14.59 -17.91
C GLN B 238 44.39 13.94 -18.83
N SER B 239 45.23 13.08 -18.26
CA SER B 239 46.26 12.38 -19.01
C SER B 239 45.70 11.28 -19.91
N THR B 240 44.41 11.37 -20.23
CA THR B 240 43.77 10.40 -21.10
C THR B 240 43.01 11.13 -22.18
N PRO B 241 43.52 11.09 -23.42
CA PRO B 241 42.88 11.75 -24.55
C PRO B 241 41.52 11.13 -24.84
N LEU B 242 40.55 11.95 -25.16
CA LEU B 242 39.24 11.42 -25.42
C LEU B 242 39.26 10.32 -26.50
N ARG B 243 39.86 10.60 -27.66
CA ARG B 243 39.90 9.59 -28.71
C ARG B 243 40.51 8.27 -28.27
N GLU B 244 41.26 8.31 -27.17
CA GLU B 244 41.87 7.11 -26.62
C GLU B 244 40.83 6.42 -25.75
N LEU B 245 40.04 7.25 -25.06
CA LEU B 245 38.99 6.78 -24.16
C LEU B 245 37.72 6.38 -24.87
N CYS B 246 37.38 7.06 -25.95
CA CYS B 246 36.17 6.75 -26.71
C CYS B 246 36.52 5.80 -27.86
N ALA B 247 37.81 5.45 -27.92
CA ALA B 247 38.36 4.57 -28.95
C ALA B 247 37.58 3.30 -29.15
N GLY B 248 37.28 3.00 -30.41
CA GLY B 248 36.56 1.78 -30.73
C GLY B 248 35.05 1.83 -30.66
N PHE B 249 34.52 2.97 -30.25
CA PHE B 249 33.07 3.14 -30.12
C PHE B 249 32.52 4.32 -30.93
N PRO B 250 31.21 4.31 -31.20
CA PRO B 250 30.56 5.36 -31.98
C PRO B 250 31.19 6.74 -31.81
N GLU B 251 31.44 7.41 -32.93
CA GLU B 251 32.05 8.72 -32.91
C GLU B 251 31.16 9.71 -32.16
N GLU B 252 29.84 9.52 -32.27
CA GLU B 252 28.89 10.39 -31.61
C GLU B 252 29.19 10.54 -30.13
N PHE B 253 29.84 9.52 -29.54
CA PHE B 253 30.22 9.53 -28.12
C PHE B 253 31.41 10.46 -27.90
N TYR B 254 32.36 10.40 -28.82
CA TYR B 254 33.51 11.27 -28.73
C TYR B 254 32.95 12.69 -28.80
N LYS B 255 32.08 12.91 -29.77
CA LYS B 255 31.45 14.21 -29.97
C LYS B 255 30.71 14.70 -28.72
N TYR B 256 30.15 13.77 -27.95
CA TYR B 256 29.45 14.16 -26.74
C TYR B 256 30.48 14.60 -25.71
N MET B 257 31.43 13.72 -25.40
CA MET B 257 32.46 14.04 -24.42
C MET B 257 33.17 15.35 -24.75
N HIS B 258 33.51 15.57 -26.02
CA HIS B 258 34.21 16.79 -26.37
C HIS B 258 33.35 18.03 -26.10
N TYR B 259 32.11 18.00 -26.61
CA TYR B 259 31.22 19.13 -26.39
C TYR B 259 31.04 19.46 -24.91
N ALA B 260 31.03 18.44 -24.07
CA ALA B 260 30.86 18.67 -22.64
C ALA B 260 32.19 19.07 -22.02
N ARG B 261 33.27 18.44 -22.47
CA ARG B 261 34.58 18.73 -21.94
C ARG B 261 35.07 20.14 -22.23
N ASN B 262 34.34 20.86 -23.09
CA ASN B 262 34.74 22.22 -23.43
C ASN B 262 33.64 23.28 -23.31
N LEU B 263 32.52 22.93 -22.68
CA LEU B 263 31.43 23.89 -22.51
C LEU B 263 31.92 25.03 -21.62
N ALA B 264 31.22 26.15 -21.68
CA ALA B 264 31.56 27.32 -20.88
C ALA B 264 30.83 27.21 -19.54
N PHE B 265 31.32 27.91 -18.53
CA PHE B 265 30.69 27.84 -17.23
C PHE B 265 29.20 28.14 -17.23
N ASP B 266 28.81 29.32 -17.68
CA ASP B 266 27.40 29.69 -17.68
C ASP B 266 26.72 29.11 -18.92
N ALA B 267 27.53 28.57 -19.83
CA ALA B 267 27.04 27.96 -21.06
C ALA B 267 25.76 27.17 -20.91
N THR B 268 24.77 27.47 -21.75
CA THR B 268 23.52 26.72 -21.71
C THR B 268 23.72 25.52 -22.61
N PRO B 269 23.70 24.31 -22.02
CA PRO B 269 23.89 23.09 -22.81
C PRO B 269 22.91 23.03 -23.98
N ASP B 270 23.40 22.55 -25.12
CA ASP B 270 22.55 22.40 -26.29
C ASP B 270 22.01 20.99 -26.21
N TYR B 271 21.13 20.77 -25.24
CA TYR B 271 20.52 19.47 -25.02
C TYR B 271 20.13 18.79 -26.32
N ASP B 272 19.49 19.55 -27.20
CA ASP B 272 19.05 19.05 -28.49
C ASP B 272 20.23 18.44 -29.23
N TYR B 273 21.34 19.15 -29.27
CA TYR B 273 22.50 18.64 -29.94
C TYR B 273 22.86 17.28 -29.35
N LEU B 274 23.32 17.30 -28.11
CA LEU B 274 23.71 16.08 -27.41
C LEU B 274 22.68 14.97 -27.53
N GLN B 275 21.41 15.35 -27.65
CA GLN B 275 20.33 14.39 -27.75
C GLN B 275 20.12 13.89 -29.19
N GLY B 276 20.93 14.39 -30.11
CA GLY B 276 20.81 13.98 -31.50
C GLY B 276 21.95 13.02 -31.81
N LEU B 277 23.05 13.20 -31.10
CA LEU B 277 24.22 12.34 -31.23
C LEU B 277 23.83 10.91 -30.91
N PHE B 278 22.99 10.76 -29.88
CA PHE B 278 22.53 9.45 -29.45
C PHE B 278 21.48 8.90 -30.39
N SER B 279 20.60 9.77 -30.87
CA SER B 279 19.56 9.34 -31.80
C SER B 279 20.22 8.89 -33.11
N LYS B 280 21.42 9.40 -33.35
CA LYS B 280 22.16 9.05 -34.56
C LYS B 280 22.76 7.65 -34.37
N VAL B 281 23.43 7.45 -33.25
CA VAL B 281 24.03 6.15 -32.96
C VAL B 281 23.02 5.05 -33.27
N LEU B 282 21.74 5.35 -33.07
CA LEU B 282 20.69 4.37 -33.32
C LEU B 282 20.30 4.27 -34.79
N GLU B 283 20.23 5.41 -35.49
CA GLU B 283 19.88 5.38 -36.91
C GLU B 283 20.97 4.64 -37.65
N ARG B 284 22.18 4.66 -37.08
CA ARG B 284 23.33 3.98 -37.65
C ARG B 284 23.14 2.47 -37.51
N LEU B 285 22.66 2.02 -36.35
CA LEU B 285 22.44 0.60 -36.09
C LEU B 285 21.15 0.08 -36.73
N ASN B 286 20.48 0.92 -37.51
CA ASN B 286 19.24 0.55 -38.19
C ASN B 286 18.09 0.25 -37.25
N THR B 287 18.17 0.78 -36.04
CA THR B 287 17.15 0.50 -35.05
C THR B 287 16.46 1.78 -34.59
N THR B 288 15.36 1.63 -33.87
CA THR B 288 14.58 2.76 -33.38
C THR B 288 14.79 2.86 -31.87
N GLU B 289 14.14 3.82 -31.23
CA GLU B 289 14.32 3.96 -29.79
C GLU B 289 13.29 3.21 -28.99
N ASP B 290 13.16 1.91 -29.26
CA ASP B 290 12.25 1.07 -28.52
C ASP B 290 13.03 0.85 -27.26
N GLU B 291 12.44 0.23 -26.25
CA GLU B 291 13.20 0.05 -25.02
C GLU B 291 13.79 -1.35 -24.82
N ASN B 292 14.16 -2.00 -25.92
CA ASN B 292 14.76 -3.32 -25.81
C ASN B 292 16.14 -3.15 -25.23
N PHE B 293 16.20 -3.01 -23.91
CA PHE B 293 17.45 -2.84 -23.21
C PHE B 293 18.04 -4.21 -23.05
N ASP B 294 19.36 -4.27 -22.97
CA ASP B 294 20.03 -5.54 -22.82
C ASP B 294 19.35 -6.30 -21.70
N TRP B 295 18.92 -5.57 -20.67
CA TRP B 295 18.29 -6.18 -19.51
C TRP B 295 16.81 -6.55 -19.61
N ASN B 296 16.35 -6.93 -20.79
CA ASN B 296 14.96 -7.32 -20.98
C ASN B 296 14.84 -8.80 -21.30
N LEU B 297 15.18 -9.61 -20.31
CA LEU B 297 15.12 -11.06 -20.47
C LEU B 297 15.46 -11.70 -19.12
N LEU B 298 16.46 -11.14 -18.46
CA LEU B 298 16.93 -11.63 -17.16
C LEU B 298 15.82 -12.16 -16.29
#